data_1QCH
#
_entry.id   1QCH
#
_cell.length_a   1.000
_cell.length_b   1.000
_cell.length_c   1.000
_cell.angle_alpha   90.00
_cell.angle_beta   90.00
_cell.angle_gamma   90.00
#
_symmetry.space_group_name_H-M   'P 1'
#
loop_
_entity.id
_entity.type
_entity.pdbx_description
1 polymer "5'-D(*AP*TP*GP*CP*AP*T)-3'"
2 non-polymer NOGALAMYCIN
3 non-polymer 'SODIUM ION'
4 water water
#
_entity_poly.entity_id   1
_entity_poly.type   'polydeoxyribonucleotide'
_entity_poly.pdbx_seq_one_letter_code
;(DA)(DT)(DG)(DC)(DA)(DT)
;
_entity_poly.pdbx_strand_id   A,B
#